data_7DAZ
#
_entry.id   7DAZ
#
_cell.length_a   58.333
_cell.length_b   75.959
_cell.length_c   111.147
_cell.angle_alpha   90.00
_cell.angle_beta   90.00
_cell.angle_gamma   90.00
#
_symmetry.space_group_name_H-M   'P 21 21 21'
#
loop_
_entity.id
_entity.type
_entity.pdbx_description
1 polymer 'Glutathione S-transferase E14'
2 non-polymer GLUTATHIONE
3 non-polymer 6-(6,7-dihydro-4H-thieno[3,2-c]pyridin-5-yl)pyridin-3-amine
4 water water
#
_entity_poly.entity_id   1
_entity_poly.type   'polypeptide(L)'
_entity_poly.pdbx_seq_one_letter_code
;MNHKVHMMSQPKPILYYDERSPPVRSCLMLIKLLDIDVELRFVNLFKGEQFQKDFLALNPQHSVPTLVHGDLVLTDSHAI
LIHLAEKFDEGGSLWPQEHAERMKVLNLLLFECSFLFRRDSDFMSAIVRQGFANVDVAHHERKLTEAYIIMERYLENSDF
MAGPQLTLADLSIVTTLSTVNLMFPLSQFPRLRRWFTAMQQLDAYEANCSGLEKLRQTMESVGSFQFPSSSAVVTEKVE
;
_entity_poly.pdbx_strand_id   A,B
#
# COMPACT_ATOMS: atom_id res chain seq x y z
C GLN A 10 -18.69 21.82 -0.72
N PRO A 11 -18.15 22.08 -1.92
CA PRO A 11 -18.76 21.67 -3.19
C PRO A 11 -18.64 20.16 -3.42
N LYS A 12 -19.14 19.69 -4.57
CA LYS A 12 -19.13 18.26 -4.87
C LYS A 12 -17.72 17.77 -5.17
N PRO A 13 -17.45 16.48 -4.89
CA PRO A 13 -16.14 15.87 -5.14
C PRO A 13 -15.75 15.88 -6.61
N ILE A 14 -14.46 16.06 -6.88
CA ILE A 14 -13.94 15.95 -8.23
C ILE A 14 -13.02 14.73 -8.32
N LEU A 15 -13.29 13.85 -9.28
CA LEU A 15 -12.45 12.66 -9.46
C LEU A 15 -11.65 12.72 -10.76
N TYR A 16 -10.33 12.81 -10.62
CA TYR A 16 -9.44 12.67 -11.76
C TYR A 16 -9.20 11.20 -12.02
N TYR A 17 -9.46 10.76 -13.25
CA TYR A 17 -9.58 9.34 -13.51
C TYR A 17 -9.15 8.90 -14.91
N ASP A 18 -8.82 7.61 -15.02
CA ASP A 18 -8.72 6.90 -16.28
C ASP A 18 -9.29 5.52 -15.97
N GLU A 19 -10.41 5.17 -16.59
CA GLU A 19 -11.15 3.98 -16.20
C GLU A 19 -10.37 2.68 -16.48
N ARG A 20 -9.28 2.76 -17.22
CA ARG A 20 -8.44 1.59 -17.46
C ARG A 20 -7.70 1.19 -16.19
N SER A 21 -7.58 2.13 -15.26
CA SER A 21 -6.93 1.90 -13.97
C SER A 21 -7.83 1.13 -13.01
N PRO A 22 -7.35 -0.02 -12.50
CA PRO A 22 -8.17 -0.77 -11.53
C PRO A 22 -8.52 0.03 -10.26
N PRO A 23 -7.57 0.76 -9.65
CA PRO A 23 -7.98 1.54 -8.48
C PRO A 23 -9.02 2.61 -8.80
N VAL A 24 -8.97 3.17 -10.01
CA VAL A 24 -9.99 4.12 -10.44
C VAL A 24 -11.35 3.44 -10.47
N ARG A 25 -11.39 2.24 -11.04
CA ARG A 25 -12.63 1.49 -11.18
C ARG A 25 -13.25 1.15 -9.83
N SER A 26 -12.41 0.97 -8.81
N SER A 26 -12.41 0.97 -8.81
CA SER A 26 -12.90 0.71 -7.47
CA SER A 26 -12.90 0.70 -7.47
C SER A 26 -13.70 1.90 -6.97
C SER A 26 -13.68 1.90 -6.94
N CYS A 27 -13.17 3.10 -7.23
CA CYS A 27 -13.84 4.33 -6.83
C CYS A 27 -15.10 4.53 -7.65
N LEU A 28 -15.05 4.18 -8.93
CA LEU A 28 -16.22 4.31 -9.81
C LEU A 28 -17.35 3.40 -9.34
N MET A 29 -16.99 2.23 -8.82
CA MET A 29 -17.97 1.28 -8.30
C MET A 29 -18.65 1.82 -7.05
N LEU A 30 -17.85 2.41 -6.15
CA LEU A 30 -18.40 3.01 -4.95
C LEU A 30 -19.31 4.19 -5.27
N ILE A 31 -18.88 5.01 -6.21
CA ILE A 31 -19.65 6.18 -6.63
C ILE A 31 -21.01 5.75 -7.20
N LYS A 32 -21.01 4.68 -7.99
CA LYS A 32 -22.27 4.16 -8.54
C LYS A 32 -23.12 3.52 -7.44
N LEU A 33 -22.47 2.79 -6.54
CA LEU A 33 -23.17 2.08 -5.47
C LEU A 33 -23.91 3.04 -4.54
N LEU A 34 -23.29 4.17 -4.25
CA LEU A 34 -23.86 5.16 -3.33
C LEU A 34 -24.55 6.29 -4.07
N ASP A 35 -24.57 6.21 -5.41
CA ASP A 35 -25.09 7.27 -6.26
C ASP A 35 -24.53 8.64 -5.88
N ILE A 36 -23.22 8.72 -5.70
CA ILE A 36 -22.58 9.97 -5.32
C ILE A 36 -22.47 10.89 -6.53
N ASP A 37 -22.86 12.15 -6.34
CA ASP A 37 -22.74 13.14 -7.39
C ASP A 37 -21.30 13.66 -7.43
N VAL A 38 -20.59 13.32 -8.50
CA VAL A 38 -19.16 13.62 -8.62
C VAL A 38 -18.84 14.18 -9.99
N GLU A 39 -17.99 15.19 -10.05
CA GLU A 39 -17.48 15.68 -11.33
C GLU A 39 -16.31 14.81 -11.78
N LEU A 40 -16.37 14.33 -13.02
CA LEU A 40 -15.31 13.50 -13.57
C LEU A 40 -14.37 14.31 -14.45
N ARG A 41 -13.07 14.19 -14.19
CA ARG A 41 -12.07 14.82 -15.03
C ARG A 41 -11.10 13.78 -15.56
N PHE A 42 -11.14 13.56 -16.87
CA PHE A 42 -10.36 12.50 -17.50
C PHE A 42 -8.88 12.85 -17.61
N VAL A 43 -8.04 11.92 -17.18
CA VAL A 43 -6.59 12.04 -17.32
C VAL A 43 -6.09 10.84 -18.13
N ASN A 44 -5.72 11.08 -19.39
CA ASN A 44 -5.36 9.97 -20.27
C ASN A 44 -3.96 9.45 -19.97
N LEU A 45 -3.91 8.29 -19.32
CA LEU A 45 -2.64 7.69 -18.95
C LEU A 45 -1.82 7.26 -20.16
N PHE A 46 -2.49 6.84 -21.22
CA PHE A 46 -1.79 6.38 -22.42
C PHE A 46 -1.06 7.52 -23.13
N LYS A 47 -1.57 8.74 -22.98
CA LYS A 47 -0.93 9.90 -23.58
C LYS A 47 -0.04 10.61 -22.58
N GLY A 48 0.10 10.03 -21.39
CA GLY A 48 0.96 10.58 -20.37
C GLY A 48 0.46 11.90 -19.80
N GLU A 49 -0.85 12.07 -19.77
CA GLU A 49 -1.46 13.31 -19.30
C GLU A 49 -1.32 13.50 -17.79
N GLN A 50 -0.90 12.44 -17.09
CA GLN A 50 -0.68 12.55 -15.65
C GLN A 50 0.56 13.38 -15.34
N PHE A 51 1.33 13.68 -16.37
CA PHE A 51 2.53 14.49 -16.23
C PHE A 51 2.31 15.94 -16.66
N GLN A 52 1.07 16.27 -17.02
CA GLN A 52 0.71 17.65 -17.32
C GLN A 52 1.00 18.52 -16.09
N LYS A 53 1.50 19.73 -16.33
CA LYS A 53 2.00 20.60 -15.28
C LYS A 53 1.01 20.79 -14.12
N ASP A 54 -0.26 21.03 -14.46
CA ASP A 54 -1.26 21.30 -13.45
C ASP A 54 -1.63 20.08 -12.60
N PHE A 55 -1.70 18.90 -13.23
CA PHE A 55 -2.04 17.70 -12.49
C PHE A 55 -0.88 17.28 -11.60
N LEU A 56 0.34 17.38 -12.12
CA LEU A 56 1.55 17.12 -11.34
C LEU A 56 1.58 17.97 -10.08
N ALA A 57 1.24 19.24 -10.23
CA ALA A 57 1.19 20.16 -9.09
C ALA A 57 0.16 19.67 -8.08
N LEU A 58 -0.95 19.15 -8.58
CA LEU A 58 -2.02 18.66 -7.73
C LEU A 58 -1.63 17.34 -7.05
N ASN A 59 -1.09 16.42 -7.84
CA ASN A 59 -0.64 15.12 -7.33
C ASN A 59 0.76 14.80 -7.83
N PRO A 60 1.77 15.04 -6.99
CA PRO A 60 3.18 14.77 -7.31
C PRO A 60 3.45 13.31 -7.65
N GLN A 61 2.61 12.39 -7.19
CA GLN A 61 2.76 10.98 -7.51
C GLN A 61 2.22 10.65 -8.90
N HIS A 62 1.71 11.67 -9.59
CA HIS A 62 1.15 11.55 -10.95
C HIS A 62 0.35 10.27 -11.15
N SER A 63 -0.64 10.06 -10.30
CA SER A 63 -1.42 8.82 -10.33
C SER A 63 -2.92 9.09 -10.28
N VAL A 64 -3.68 8.18 -10.90
CA VAL A 64 -5.13 8.18 -10.76
C VAL A 64 -5.54 6.89 -10.06
N PRO A 65 -6.58 6.95 -9.21
CA PRO A 65 -7.48 8.08 -8.97
C PRO A 65 -6.91 9.17 -8.06
N THR A 66 -7.36 10.39 -8.30
CA THR A 66 -7.13 11.51 -7.41
C THR A 66 -8.46 12.19 -7.14
N LEU A 67 -8.74 12.47 -5.88
CA LEU A 67 -9.99 13.14 -5.53
C LEU A 67 -9.74 14.50 -4.92
N VAL A 68 -10.42 15.52 -5.45
CA VAL A 68 -10.45 16.83 -4.83
C VAL A 68 -11.84 17.07 -4.26
N HIS A 69 -11.92 17.23 -2.95
CA HIS A 69 -13.19 17.51 -2.29
C HIS A 69 -13.02 18.71 -1.36
N GLY A 70 -13.40 19.89 -1.86
CA GLY A 70 -13.12 21.12 -1.15
C GLY A 70 -11.62 21.37 -1.15
N ASP A 71 -11.04 21.46 0.04
CA ASP A 71 -9.60 21.67 0.17
C ASP A 71 -8.84 20.35 0.27
N LEU A 72 -9.58 19.26 0.47
CA LEU A 72 -8.98 17.94 0.65
C LEU A 72 -8.57 17.33 -0.68
N VAL A 73 -7.31 16.92 -0.78
CA VAL A 73 -6.78 16.29 -1.98
C VAL A 73 -6.26 14.89 -1.66
N LEU A 74 -6.98 13.87 -2.11
CA LEU A 74 -6.60 12.49 -1.86
C LEU A 74 -5.98 11.86 -3.10
N THR A 75 -4.86 11.17 -2.91
CA THR A 75 -4.08 10.68 -4.03
C THR A 75 -3.88 9.17 -3.97
N ASP A 76 -4.83 8.48 -3.35
CA ASP A 76 -4.79 7.02 -3.28
C ASP A 76 -6.21 6.49 -3.20
N SER A 77 -6.51 5.46 -3.98
CA SER A 77 -7.87 4.93 -4.09
C SER A 77 -8.43 4.49 -2.74
N HIS A 78 -7.59 3.96 -1.87
CA HIS A 78 -8.07 3.40 -0.62
C HIS A 78 -8.47 4.52 0.34
N ALA A 79 -7.77 5.65 0.27
CA ALA A 79 -8.16 6.83 1.04
C ALA A 79 -9.46 7.41 0.48
N ILE A 80 -9.58 7.41 -0.85
CA ILE A 80 -10.78 7.92 -1.51
C ILE A 80 -12.00 7.08 -1.17
N LEU A 81 -11.85 5.76 -1.18
CA LEU A 81 -12.93 4.85 -0.81
C LEU A 81 -13.40 5.13 0.61
N ILE A 82 -12.46 5.20 1.54
CA ILE A 82 -12.78 5.44 2.94
C ILE A 82 -13.42 6.81 3.15
N HIS A 83 -12.86 7.84 2.53
CA HIS A 83 -13.42 9.19 2.61
C HIS A 83 -14.85 9.25 2.12
N LEU A 84 -15.08 8.74 0.92
CA LEU A 84 -16.41 8.79 0.31
C LEU A 84 -17.41 7.99 1.13
N ALA A 85 -16.95 6.87 1.70
CA ALA A 85 -17.80 6.06 2.56
C ALA A 85 -18.22 6.83 3.79
N GLU A 86 -17.27 7.53 4.41
CA GLU A 86 -17.55 8.24 5.66
C GLU A 86 -18.44 9.46 5.43
N LYS A 87 -18.37 10.02 4.23
CA LYS A 87 -19.14 11.22 3.89
C LYS A 87 -20.53 10.92 3.33
N PHE A 88 -20.63 9.86 2.53
CA PHE A 88 -21.88 9.59 1.81
C PHE A 88 -22.54 8.27 2.23
N ASP A 89 -21.90 7.54 3.15
CA ASP A 89 -22.50 6.32 3.66
C ASP A 89 -22.32 6.26 5.19
N GLU A 90 -22.48 7.41 5.84
CA GLU A 90 -22.38 7.48 7.29
C GLU A 90 -23.37 6.51 7.94
N GLY A 91 -22.85 5.66 8.83
CA GLY A 91 -23.68 4.65 9.47
C GLY A 91 -23.75 3.37 8.66
N GLY A 92 -23.24 3.41 7.44
CA GLY A 92 -23.30 2.26 6.55
C GLY A 92 -22.40 1.10 6.97
N SER A 93 -22.52 -0.02 6.28
CA SER A 93 -21.77 -1.22 6.61
C SER A 93 -20.59 -1.46 5.68
N LEU A 94 -20.47 -0.65 4.63
CA LEU A 94 -19.35 -0.75 3.70
C LEU A 94 -18.04 -0.44 4.42
N TRP A 95 -18.09 0.54 5.30
CA TRP A 95 -16.96 0.94 6.11
C TRP A 95 -17.44 0.91 7.55
N PRO A 96 -17.44 -0.29 8.15
CA PRO A 96 -18.14 -0.64 9.40
C PRO A 96 -17.88 0.30 10.56
N GLN A 97 -18.92 0.50 11.37
CA GLN A 97 -18.83 1.36 12.55
C GLN A 97 -18.00 0.70 13.64
N GLU A 98 -18.25 -0.59 13.85
CA GLU A 98 -17.54 -1.34 14.89
C GLU A 98 -16.06 -1.43 14.56
N HIS A 99 -15.22 -1.13 15.56
CA HIS A 99 -13.80 -0.96 15.33
C HIS A 99 -13.10 -2.18 14.74
N ALA A 100 -13.33 -3.35 15.35
CA ALA A 100 -12.69 -4.59 14.90
C ALA A 100 -13.07 -4.92 13.46
N GLU A 101 -14.35 -4.73 13.14
CA GLU A 101 -14.83 -4.93 11.78
C GLU A 101 -14.17 -3.96 10.81
N ARG A 102 -14.05 -2.71 11.23
CA ARG A 102 -13.44 -1.67 10.40
C ARG A 102 -11.97 -1.97 10.15
N MET A 103 -11.29 -2.46 11.18
CA MET A 103 -9.87 -2.78 11.08
C MET A 103 -9.65 -3.93 10.09
N LYS A 104 -10.58 -4.87 10.04
N LYS A 104 -10.58 -4.88 10.06
CA LYS A 104 -10.47 -6.00 9.13
CA LYS A 104 -10.49 -6.00 9.14
C LYS A 104 -10.59 -5.54 7.68
C LYS A 104 -10.58 -5.52 7.69
N VAL A 105 -11.48 -4.58 7.45
CA VAL A 105 -11.63 -3.99 6.12
C VAL A 105 -10.36 -3.23 5.72
N LEU A 106 -9.86 -2.43 6.64
CA LEU A 106 -8.64 -1.67 6.42
C LEU A 106 -7.47 -2.59 6.08
N ASN A 107 -7.42 -3.72 6.77
CA ASN A 107 -6.33 -4.68 6.60
C ASN A 107 -6.30 -5.26 5.19
N LEU A 108 -7.49 -5.52 4.64
N LEU A 108 -7.47 -5.48 4.60
CA LEU A 108 -7.63 -6.06 3.29
CA LEU A 108 -7.52 -6.07 3.27
C LEU A 108 -7.34 -5.00 2.23
C LEU A 108 -7.43 -5.00 2.17
N LEU A 109 -7.74 -3.76 2.52
CA LEU A 109 -7.47 -2.64 1.62
C LEU A 109 -5.97 -2.53 1.42
N LEU A 110 -5.23 -2.73 2.50
CA LEU A 110 -3.78 -2.66 2.46
C LEU A 110 -3.18 -3.89 1.76
N PHE A 111 -3.81 -5.05 1.92
CA PHE A 111 -3.42 -6.23 1.14
C PHE A 111 -3.50 -5.92 -0.35
N GLU A 112 -4.58 -5.27 -0.77
CA GLU A 112 -4.75 -4.92 -2.17
C GLU A 112 -3.62 -4.01 -2.63
N CYS A 113 -3.29 -3.03 -1.80
CA CYS A 113 -2.27 -2.06 -2.15
C CYS A 113 -0.86 -2.65 -2.16
N SER A 114 -0.54 -3.42 -1.13
N SER A 114 -0.55 -3.43 -1.12
CA SER A 114 0.83 -3.88 -0.92
CA SER A 114 0.82 -3.88 -0.87
C SER A 114 1.16 -5.16 -1.67
C SER A 114 1.17 -5.19 -1.59
N PHE A 115 0.15 -5.99 -1.89
CA PHE A 115 0.36 -7.33 -2.41
C PHE A 115 -0.25 -7.54 -3.79
N LEU A 116 -1.58 -7.50 -3.87
CA LEU A 116 -2.28 -7.83 -5.11
C LEU A 116 -2.00 -6.83 -6.23
N PHE A 117 -2.23 -5.55 -5.98
CA PHE A 117 -2.00 -4.56 -7.03
C PHE A 117 -0.52 -4.44 -7.38
N ARG A 118 0.35 -4.53 -6.39
CA ARG A 118 1.78 -4.43 -6.64
C ARG A 118 2.21 -5.51 -7.63
N ARG A 119 1.77 -6.73 -7.39
CA ARG A 119 2.15 -7.85 -8.24
C ARG A 119 1.49 -7.79 -9.61
N ASP A 120 0.25 -7.31 -9.67
CA ASP A 120 -0.39 -7.19 -10.99
C ASP A 120 0.28 -6.08 -11.78
N SER A 121 0.68 -5.03 -11.10
N SER A 121 0.69 -5.03 -11.10
CA SER A 121 1.38 -3.91 -11.73
CA SER A 121 1.37 -3.91 -11.77
C SER A 121 2.71 -4.36 -12.31
C SER A 121 2.73 -4.36 -12.31
N ASP A 122 3.45 -5.16 -11.54
CA ASP A 122 4.74 -5.70 -11.97
C ASP A 122 4.59 -6.49 -13.27
N PHE A 123 3.55 -7.32 -13.33
CA PHE A 123 3.30 -8.15 -14.49
C PHE A 123 2.88 -7.32 -15.69
N MET A 124 1.92 -6.44 -15.52
CA MET A 124 1.38 -5.67 -16.64
C MET A 124 2.42 -4.68 -17.19
N SER A 125 3.19 -4.06 -16.31
N SER A 125 3.21 -4.08 -16.31
CA SER A 125 4.27 -3.17 -16.74
CA SER A 125 4.26 -3.17 -16.75
C SER A 125 5.31 -3.94 -17.54
C SER A 125 5.34 -3.93 -17.52
N ALA A 126 5.56 -5.19 -17.13
CA ALA A 126 6.53 -6.05 -17.82
C ALA A 126 6.10 -6.30 -19.26
N ILE A 127 4.82 -6.54 -19.47
CA ILE A 127 4.29 -6.69 -20.83
C ILE A 127 4.60 -5.48 -21.69
N VAL A 128 4.29 -4.30 -21.15
CA VAL A 128 4.52 -3.05 -21.87
C VAL A 128 6.00 -2.83 -22.16
N ARG A 129 6.84 -3.09 -21.15
CA ARG A 129 8.26 -2.84 -21.27
C ARG A 129 9.01 -3.87 -22.13
N GLN A 130 8.65 -5.14 -21.97
CA GLN A 130 9.41 -6.22 -22.59
C GLN A 130 8.77 -6.80 -23.84
N GLY A 131 7.47 -6.58 -24.01
CA GLY A 131 6.72 -7.22 -25.08
C GLY A 131 6.16 -8.53 -24.56
N PHE A 132 4.93 -8.83 -24.92
CA PHE A 132 4.19 -9.96 -24.36
C PHE A 132 4.94 -11.30 -24.44
N ALA A 133 5.53 -11.57 -25.60
CA ALA A 133 6.20 -12.85 -25.83
C ALA A 133 7.51 -13.00 -25.04
N ASN A 134 8.00 -11.91 -24.49
CA ASN A 134 9.30 -11.91 -23.82
C ASN A 134 9.20 -11.85 -22.29
N VAL A 135 7.98 -11.76 -21.79
CA VAL A 135 7.74 -11.72 -20.36
C VAL A 135 7.95 -13.10 -19.74
N ASP A 136 8.60 -13.14 -18.58
CA ASP A 136 8.72 -14.36 -17.80
C ASP A 136 7.36 -14.65 -17.16
N VAL A 137 6.48 -15.28 -17.93
CA VAL A 137 5.10 -15.51 -17.48
C VAL A 137 5.05 -16.47 -16.29
N ALA A 138 5.95 -17.46 -16.30
CA ALA A 138 6.01 -18.43 -15.21
C ALA A 138 6.27 -17.75 -13.87
N HIS A 139 7.18 -16.78 -13.87
CA HIS A 139 7.48 -16.00 -12.67
C HIS A 139 6.25 -15.26 -12.18
N HIS A 140 5.61 -14.52 -13.08
CA HIS A 140 4.46 -13.72 -12.70
C HIS A 140 3.24 -14.58 -12.41
N GLU A 141 3.15 -15.74 -13.05
CA GLU A 141 2.09 -16.68 -12.72
C GLU A 141 2.23 -17.13 -11.27
N ARG A 142 3.47 -17.41 -10.86
CA ARG A 142 3.74 -17.80 -9.48
C ARG A 142 3.34 -16.69 -8.51
N LYS A 143 3.79 -15.47 -8.79
CA LYS A 143 3.55 -14.34 -7.90
C LYS A 143 2.05 -14.07 -7.76
N LEU A 144 1.32 -14.18 -8.87
CA LEU A 144 -0.10 -13.83 -8.84
C LEU A 144 -0.97 -14.98 -8.35
N THR A 145 -0.56 -16.22 -8.62
CA THR A 145 -1.26 -17.38 -8.07
C THR A 145 -1.13 -17.36 -6.55
N GLU A 146 0.01 -16.88 -6.06
CA GLU A 146 0.19 -16.72 -4.61
C GLU A 146 -0.85 -15.78 -4.03
N ALA A 147 -1.21 -14.75 -4.79
CA ALA A 147 -2.27 -13.83 -4.37
C ALA A 147 -3.62 -14.53 -4.37
N TYR A 148 -3.88 -15.31 -5.42
CA TYR A 148 -5.12 -16.11 -5.50
C TYR A 148 -5.26 -17.01 -4.26
N ILE A 149 -4.17 -17.67 -3.90
CA ILE A 149 -4.15 -18.58 -2.76
C ILE A 149 -4.52 -17.87 -1.46
N ILE A 150 -3.94 -16.69 -1.26
CA ILE A 150 -4.22 -15.89 -0.08
C ILE A 150 -5.69 -15.47 -0.02
N MET A 151 -6.24 -15.02 -1.15
CA MET A 151 -7.63 -14.59 -1.18
C MET A 151 -8.57 -15.77 -0.97
N GLU A 152 -8.19 -16.93 -1.48
CA GLU A 152 -8.97 -18.14 -1.27
C GLU A 152 -9.03 -18.47 0.23
N ARG A 153 -7.90 -18.27 0.90
CA ARG A 153 -7.82 -18.49 2.35
C ARG A 153 -8.70 -17.51 3.13
N TYR A 154 -8.70 -16.24 2.72
CA TYR A 154 -9.55 -15.25 3.36
C TYR A 154 -11.04 -15.57 3.17
N LEU A 155 -11.37 -16.18 2.03
CA LEU A 155 -12.76 -16.48 1.71
C LEU A 155 -13.21 -17.82 2.29
N GLU A 156 -12.27 -18.58 2.85
CA GLU A 156 -12.64 -19.84 3.48
C GLU A 156 -13.27 -19.54 4.84
N ASN A 157 -12.98 -18.36 5.35
CA ASN A 157 -13.54 -17.91 6.63
C ASN A 157 -14.83 -17.13 6.45
N SER A 158 -14.78 -16.09 5.62
CA SER A 158 -15.94 -15.22 5.42
C SER A 158 -16.49 -15.34 4.00
N ASP A 159 -17.74 -14.94 3.82
CA ASP A 159 -18.39 -15.00 2.52
C ASP A 159 -17.89 -13.88 1.61
N PHE A 160 -17.53 -12.76 2.22
CA PHE A 160 -16.88 -11.67 1.50
C PHE A 160 -15.45 -11.53 2.04
N MET A 161 -14.67 -10.64 1.43
CA MET A 161 -13.24 -10.57 1.74
C MET A 161 -12.96 -10.23 3.19
N ALA A 162 -13.71 -9.29 3.75
CA ALA A 162 -13.43 -8.78 5.09
C ALA A 162 -14.52 -9.08 6.10
N GLY A 163 -15.45 -9.95 5.73
CA GLY A 163 -16.53 -10.31 6.64
C GLY A 163 -17.73 -10.90 5.93
N PRO A 164 -18.88 -10.94 6.63
CA PRO A 164 -20.10 -11.55 6.13
C PRO A 164 -20.85 -10.69 5.12
N GLN A 165 -20.46 -9.42 5.03
N GLN A 165 -20.47 -9.42 5.04
CA GLN A 165 -21.13 -8.48 4.15
CA GLN A 165 -21.12 -8.47 4.14
C GLN A 165 -20.16 -7.73 3.24
C GLN A 165 -20.13 -7.82 3.17
N LEU A 166 -20.68 -7.19 2.13
CA LEU A 166 -19.88 -6.43 1.19
C LEU A 166 -19.26 -5.21 1.87
N THR A 167 -17.97 -5.00 1.66
CA THR A 167 -17.30 -3.82 2.22
C THR A 167 -16.43 -3.16 1.17
N LEU A 168 -15.76 -2.08 1.56
CA LEU A 168 -14.83 -1.38 0.66
C LEU A 168 -13.72 -2.30 0.17
N ALA A 169 -13.37 -3.29 0.98
CA ALA A 169 -12.30 -4.22 0.62
C ALA A 169 -12.65 -4.99 -0.65
N ASP A 170 -13.91 -5.37 -0.79
CA ASP A 170 -14.34 -6.14 -1.95
C ASP A 170 -14.28 -5.28 -3.21
N LEU A 171 -14.63 -4.00 -3.07
CA LEU A 171 -14.60 -3.07 -4.19
C LEU A 171 -13.18 -2.85 -4.68
N SER A 172 -12.27 -2.68 -3.74
CA SER A 172 -10.86 -2.46 -4.05
C SER A 172 -10.25 -3.68 -4.74
N ILE A 173 -10.56 -4.86 -4.22
CA ILE A 173 -9.92 -6.09 -4.66
C ILE A 173 -10.48 -6.59 -6.00
N VAL A 174 -11.79 -6.46 -6.21
CA VAL A 174 -12.40 -7.08 -7.38
C VAL A 174 -11.93 -6.45 -8.70
N THR A 175 -11.60 -5.15 -8.68
CA THR A 175 -11.20 -4.48 -9.91
C THR A 175 -9.83 -4.98 -10.34
N THR A 176 -8.93 -5.11 -9.38
CA THR A 176 -7.59 -5.64 -9.68
C THR A 176 -7.67 -7.13 -10.01
N LEU A 177 -8.53 -7.86 -9.29
N LEU A 177 -8.53 -7.87 -9.29
CA LEU A 177 -8.70 -9.29 -9.52
CA LEU A 177 -8.68 -9.29 -9.55
C LEU A 177 -9.16 -9.54 -10.97
C LEU A 177 -9.15 -9.54 -10.98
N SER A 178 -10.14 -8.76 -11.42
CA SER A 178 -10.67 -8.90 -12.77
C SER A 178 -9.59 -8.61 -13.80
N THR A 179 -8.65 -7.75 -13.42
CA THR A 179 -7.52 -7.39 -14.28
C THR A 179 -6.49 -8.53 -14.34
N VAL A 180 -6.19 -9.12 -13.19
CA VAL A 180 -5.32 -10.29 -13.14
C VAL A 180 -5.91 -11.43 -13.96
N ASN A 181 -7.24 -11.51 -13.94
CA ASN A 181 -7.99 -12.60 -14.57
C ASN A 181 -8.05 -12.44 -16.10
N LEU A 182 -7.55 -11.31 -16.59
CA LEU A 182 -7.36 -11.16 -18.04
C LEU A 182 -6.36 -12.21 -18.51
N MET A 183 -5.43 -12.57 -17.63
CA MET A 183 -4.33 -13.47 -17.98
C MET A 183 -4.41 -14.83 -17.29
N PHE A 184 -4.68 -14.84 -15.99
CA PHE A 184 -4.59 -16.05 -15.21
C PHE A 184 -5.96 -16.55 -14.73
N PRO A 185 -6.36 -17.74 -15.17
CA PRO A 185 -7.67 -18.32 -14.85
C PRO A 185 -7.82 -18.70 -13.38
N LEU A 186 -9.06 -18.76 -12.93
CA LEU A 186 -9.39 -19.01 -11.52
C LEU A 186 -9.88 -20.43 -11.29
N SER A 187 -9.50 -21.34 -12.18
CA SER A 187 -10.01 -22.71 -12.19
C SER A 187 -9.84 -23.44 -10.85
N GLN A 188 -8.71 -23.21 -10.18
CA GLN A 188 -8.37 -23.96 -8.98
C GLN A 188 -8.83 -23.31 -7.68
N PHE A 189 -9.62 -22.24 -7.80
CA PHE A 189 -10.01 -21.47 -6.62
C PHE A 189 -11.52 -21.25 -6.54
N PRO A 190 -12.23 -22.27 -6.04
CA PRO A 190 -13.70 -22.28 -6.01
C PRO A 190 -14.32 -21.14 -5.19
N ARG A 191 -13.78 -20.85 -4.02
CA ARG A 191 -14.31 -19.78 -3.19
C ARG A 191 -14.14 -18.43 -3.88
N LEU A 192 -12.96 -18.23 -4.46
CA LEU A 192 -12.65 -17.02 -5.21
C LEU A 192 -13.59 -16.85 -6.40
N ARG A 193 -13.82 -17.94 -7.12
CA ARG A 193 -14.74 -17.91 -8.27
C ARG A 193 -16.17 -17.58 -7.85
N ARG A 194 -16.61 -18.18 -6.74
CA ARG A 194 -17.95 -17.93 -6.20
C ARG A 194 -18.11 -16.46 -5.81
N TRP A 195 -17.08 -15.93 -5.16
CA TRP A 195 -17.08 -14.54 -4.74
C TRP A 195 -17.05 -13.59 -5.94
N PHE A 196 -16.20 -13.89 -6.92
CA PHE A 196 -16.10 -13.08 -8.12
C PHE A 196 -17.42 -13.04 -8.89
N THR A 197 -18.05 -14.22 -9.02
CA THR A 197 -19.35 -14.31 -9.68
C THR A 197 -20.39 -13.46 -8.97
N ALA A 198 -20.41 -13.52 -7.64
CA ALA A 198 -21.33 -12.72 -6.84
C ALA A 198 -21.10 -11.23 -7.03
N MET A 199 -19.83 -10.83 -7.10
CA MET A 199 -19.49 -9.43 -7.34
C MET A 199 -20.02 -8.95 -8.69
N GLN A 200 -19.95 -9.83 -9.70
CA GLN A 200 -20.38 -9.48 -11.04
C GLN A 200 -21.90 -9.33 -11.14
N GLN A 201 -22.62 -9.87 -10.16
CA GLN A 201 -24.08 -9.76 -10.16
C GLN A 201 -24.52 -8.41 -9.60
N LEU A 202 -23.60 -7.69 -8.96
CA LEU A 202 -23.88 -6.37 -8.41
C LEU A 202 -24.08 -5.34 -9.52
N ASP A 203 -25.08 -4.48 -9.37
CA ASP A 203 -25.31 -3.42 -10.34
C ASP A 203 -24.07 -2.52 -10.46
N ALA A 204 -23.39 -2.32 -9.35
CA ALA A 204 -22.22 -1.44 -9.33
C ALA A 204 -21.05 -2.00 -10.15
N TYR A 205 -21.07 -3.30 -10.40
CA TYR A 205 -19.98 -3.93 -11.14
C TYR A 205 -19.90 -3.42 -12.58
N GLU A 206 -20.99 -2.85 -13.09
CA GLU A 206 -20.98 -2.30 -14.44
C GLU A 206 -19.94 -1.19 -14.58
N ALA A 207 -19.65 -0.52 -13.48
CA ALA A 207 -18.64 0.53 -13.46
C ALA A 207 -17.25 -0.01 -13.74
N ASN A 208 -17.06 -1.31 -13.50
CA ASN A 208 -15.79 -1.97 -13.78
C ASN A 208 -15.68 -2.43 -15.23
N CYS A 209 -16.82 -2.64 -15.87
CA CYS A 209 -16.88 -3.28 -17.19
C CYS A 209 -16.18 -2.52 -18.31
N SER A 210 -16.57 -1.26 -18.52
CA SER A 210 -16.05 -0.49 -19.64
C SER A 210 -14.55 -0.32 -19.56
N GLY A 211 -14.05 0.00 -18.37
CA GLY A 211 -12.63 0.25 -18.17
C GLY A 211 -11.79 -0.99 -18.34
N LEU A 212 -12.30 -2.14 -17.90
CA LEU A 212 -11.58 -3.39 -18.03
C LEU A 212 -11.39 -3.74 -19.50
N GLU A 213 -12.44 -3.54 -20.29
N GLU A 213 -12.43 -3.53 -20.31
CA GLU A 213 -12.40 -3.79 -21.73
CA GLU A 213 -12.33 -3.82 -21.74
C GLU A 213 -11.45 -2.82 -22.43
C GLU A 213 -11.47 -2.80 -22.46
N LYS A 214 -11.54 -1.55 -22.05
CA LYS A 214 -10.69 -0.51 -22.64
C LYS A 214 -9.22 -0.78 -22.29
N LEU A 215 -9.00 -1.31 -21.08
CA LEU A 215 -7.65 -1.70 -20.68
C LEU A 215 -7.15 -2.84 -21.55
N ARG A 216 -8.00 -3.86 -21.74
CA ARG A 216 -7.67 -4.97 -22.61
C ARG A 216 -7.37 -4.48 -24.03
N GLN A 217 -8.24 -3.62 -24.55
CA GLN A 217 -8.07 -3.06 -25.89
C GLN A 217 -6.75 -2.31 -26.04
N THR A 218 -6.46 -1.43 -25.10
CA THR A 218 -5.25 -0.63 -25.16
C THR A 218 -4.01 -1.53 -25.05
N MET A 219 -4.00 -2.43 -24.07
CA MET A 219 -2.88 -3.34 -23.89
C MET A 219 -2.61 -4.17 -25.14
N GLU A 220 -3.67 -4.76 -25.69
CA GLU A 220 -3.54 -5.66 -26.83
C GLU A 220 -3.13 -4.91 -28.10
N SER A 221 -3.58 -3.68 -28.24
CA SER A 221 -3.23 -2.86 -29.41
C SER A 221 -1.77 -2.42 -29.35
N VAL A 222 -1.35 -1.92 -28.19
CA VAL A 222 0.01 -1.46 -27.98
C VAL A 222 1.04 -2.57 -28.18
N GLY A 223 0.72 -3.75 -27.63
CA GLY A 223 1.67 -4.86 -27.65
C GLY A 223 1.45 -5.84 -28.80
N SER A 224 0.44 -5.59 -29.61
CA SER A 224 0.11 -6.47 -30.74
C SER A 224 -0.01 -7.93 -30.31
N PHE A 225 -0.74 -8.17 -29.22
CA PHE A 225 -0.96 -9.51 -28.73
C PHE A 225 -2.42 -9.66 -28.30
N GLN A 226 -2.80 -10.87 -27.89
CA GLN A 226 -4.11 -11.08 -27.28
C GLN A 226 -3.98 -11.87 -25.99
N PHE A 227 -4.64 -11.40 -24.93
CA PHE A 227 -4.76 -12.18 -23.71
C PHE A 227 -5.52 -13.47 -24.03
N PRO A 228 -5.20 -14.55 -23.30
CA PRO A 228 -5.92 -15.83 -23.49
C PRO A 228 -7.42 -15.67 -23.24
N SER A 229 -8.24 -16.32 -24.04
CA SER A 229 -9.69 -16.17 -23.94
C SER A 229 -10.24 -16.86 -22.70
N PRO B 11 -6.44 -9.14 27.39
CA PRO B 11 -5.42 -9.71 26.50
C PRO B 11 -4.56 -8.63 25.84
N LYS B 12 -3.28 -8.60 26.18
CA LYS B 12 -2.37 -7.60 25.62
C LYS B 12 -2.06 -7.93 24.16
N PRO B 13 -1.76 -6.89 23.36
CA PRO B 13 -1.40 -7.11 21.96
C PRO B 13 -0.12 -7.91 21.81
N ILE B 14 -0.06 -8.74 20.77
CA ILE B 14 1.13 -9.50 20.43
C ILE B 14 1.67 -9.03 19.09
N LEU B 15 2.93 -8.63 19.05
CA LEU B 15 3.54 -8.16 17.81
C LEU B 15 4.60 -9.13 17.31
N TYR B 16 4.33 -9.74 16.15
CA TYR B 16 5.32 -10.56 15.48
C TYR B 16 6.22 -9.64 14.66
N TYR B 17 7.53 -9.76 14.86
CA TYR B 17 8.43 -8.72 14.36
C TYR B 17 9.82 -9.24 13.99
N ASP B 18 10.48 -8.45 13.16
CA ASP B 18 11.92 -8.52 12.92
C ASP B 18 12.33 -7.07 12.74
N GLU B 19 13.15 -6.54 13.64
CA GLU B 19 13.39 -5.10 13.66
C GLU B 19 14.16 -4.59 12.45
N ARG B 20 14.68 -5.49 11.63
CA ARG B 20 15.33 -5.07 10.39
C ARG B 20 14.31 -4.56 9.38
N SER B 21 13.07 -4.98 9.55
CA SER B 21 11.96 -4.53 8.72
C SER B 21 11.58 -3.09 9.01
N PRO B 22 11.61 -2.22 7.99
CA PRO B 22 11.19 -0.83 8.23
C PRO B 22 9.74 -0.69 8.76
N PRO B 23 8.74 -1.37 8.15
CA PRO B 23 7.39 -1.24 8.75
C PRO B 23 7.30 -1.74 10.19
N VAL B 24 8.11 -2.71 10.57
CA VAL B 24 8.15 -3.16 11.96
C VAL B 24 8.59 -2.02 12.86
N ARG B 25 9.62 -1.31 12.42
CA ARG B 25 10.20 -0.24 13.21
C ARG B 25 9.23 0.91 13.43
N SER B 26 8.34 1.13 12.46
N SER B 26 8.33 1.13 12.47
CA SER B 26 7.31 2.15 12.61
CA SER B 26 7.31 2.17 12.61
C SER B 26 6.39 1.80 13.76
C SER B 26 6.35 1.81 13.74
N CYS B 27 6.06 0.52 13.87
CA CYS B 27 5.20 0.04 14.95
C CYS B 27 5.93 0.10 16.29
N LEU B 28 7.21 -0.28 16.28
CA LEU B 28 8.02 -0.19 17.49
C LEU B 28 8.08 1.25 18.01
N MET B 29 8.23 2.20 17.09
CA MET B 29 8.26 3.61 17.47
C MET B 29 6.96 4.05 18.12
N LEU B 30 5.83 3.64 17.54
CA LEU B 30 4.53 4.00 18.09
C LEU B 30 4.33 3.39 19.47
N ILE B 31 4.76 2.15 19.61
CA ILE B 31 4.63 1.43 20.88
C ILE B 31 5.41 2.18 21.97
N LYS B 32 6.58 2.70 21.60
N LYS B 32 6.57 2.72 21.61
CA LYS B 32 7.42 3.45 22.52
CA LYS B 32 7.39 3.45 22.57
C LYS B 32 6.78 4.79 22.86
C LYS B 32 6.80 4.82 22.86
N LEU B 33 6.26 5.46 21.85
CA LEU B 33 5.63 6.78 22.01
C LEU B 33 4.44 6.74 22.95
N LEU B 34 3.64 5.68 22.87
CA LEU B 34 2.41 5.60 23.63
C LEU B 34 2.54 4.69 24.86
N ASP B 35 3.75 4.20 25.10
CA ASP B 35 4.03 3.33 26.25
C ASP B 35 3.11 2.13 26.29
N ILE B 36 2.85 1.53 25.13
CA ILE B 36 1.95 0.39 25.05
C ILE B 36 2.62 -0.89 25.52
N ASP B 37 1.94 -1.63 26.37
CA ASP B 37 2.43 -2.94 26.82
C ASP B 37 2.10 -4.00 25.78
N VAL B 38 3.12 -4.47 25.07
N VAL B 38 3.11 -4.45 25.06
CA VAL B 38 2.95 -5.44 23.99
CA VAL B 38 2.91 -5.49 24.06
C VAL B 38 3.91 -6.62 24.16
C VAL B 38 3.83 -6.67 24.33
N GLU B 39 3.44 -7.83 23.82
CA GLU B 39 4.31 -8.99 23.82
C GLU B 39 4.98 -9.11 22.46
N LEU B 40 6.30 -8.99 22.45
CA LEU B 40 7.07 -9.12 21.20
C LEU B 40 7.40 -10.57 20.92
N ARG B 41 7.20 -10.98 19.67
CA ARG B 41 7.58 -12.32 19.24
C ARG B 41 8.46 -12.22 18.00
N PHE B 42 9.72 -12.62 18.15
CA PHE B 42 10.69 -12.46 17.08
C PHE B 42 10.55 -13.52 16.00
N VAL B 43 10.38 -13.06 14.77
CA VAL B 43 10.31 -13.92 13.60
C VAL B 43 11.52 -13.60 12.73
N ASN B 44 12.47 -14.52 12.67
CA ASN B 44 13.74 -14.26 11.98
C ASN B 44 13.60 -14.38 10.47
N LEU B 45 13.54 -13.24 9.79
CA LEU B 45 13.36 -13.20 8.35
C LEU B 45 14.54 -13.83 7.61
N PHE B 46 15.73 -13.69 8.19
CA PHE B 46 16.92 -14.22 7.54
C PHE B 46 16.89 -15.75 7.51
N LYS B 47 16.18 -16.35 8.45
CA LYS B 47 16.02 -17.80 8.49
C LYS B 47 14.71 -18.26 7.85
N GLY B 48 13.98 -17.31 7.26
CA GLY B 48 12.72 -17.63 6.62
C GLY B 48 11.64 -18.14 7.56
N GLU B 49 11.66 -17.65 8.80
CA GLU B 49 10.71 -18.11 9.81
C GLU B 49 9.30 -17.60 9.58
N GLN B 50 9.14 -16.66 8.65
CA GLN B 50 7.79 -16.19 8.29
C GLN B 50 7.03 -17.25 7.51
N PHE B 51 7.71 -18.35 7.15
CA PHE B 51 7.09 -19.45 6.43
C PHE B 51 6.82 -20.65 7.34
N GLN B 52 7.12 -20.50 8.63
CA GLN B 52 6.79 -21.54 9.60
C GLN B 52 5.28 -21.77 9.58
N LYS B 53 4.87 -23.03 9.70
CA LYS B 53 3.48 -23.43 9.50
C LYS B 53 2.47 -22.59 10.29
N ASP B 54 2.77 -22.35 11.56
CA ASP B 54 1.85 -21.64 12.44
C ASP B 54 1.74 -20.16 12.08
N PHE B 55 2.86 -19.53 11.75
CA PHE B 55 2.82 -18.12 11.38
C PHE B 55 2.15 -17.92 10.03
N LEU B 56 2.45 -18.81 9.09
CA LEU B 56 1.84 -18.78 7.76
C LEU B 56 0.33 -18.94 7.86
N ALA B 57 -0.11 -19.78 8.80
CA ALA B 57 -1.53 -19.98 9.05
C ALA B 57 -2.16 -18.71 9.62
N LEU B 58 -1.38 -18.00 10.44
CA LEU B 58 -1.82 -16.74 11.03
C LEU B 58 -1.84 -15.62 9.99
N ASN B 59 -0.80 -15.58 9.17
CA ASN B 59 -0.66 -14.55 8.13
C ASN B 59 -0.19 -15.15 6.80
N PRO B 60 -1.15 -15.46 5.92
CA PRO B 60 -0.89 -16.05 4.60
C PRO B 60 0.03 -15.17 3.73
N GLN B 61 -0.07 -13.84 3.82
CA GLN B 61 1.07 -12.94 3.46
C GLN B 61 2.49 -13.14 4.03
N HIS B 62 2.67 -14.01 5.02
CA HIS B 62 4.01 -14.26 5.60
C HIS B 62 4.87 -12.99 5.72
N SER B 63 4.33 -11.96 6.36
CA SER B 63 5.03 -10.68 6.48
C SER B 63 5.01 -10.19 7.92
N VAL B 64 6.05 -9.45 8.29
CA VAL B 64 6.07 -8.72 9.55
C VAL B 64 6.12 -7.23 9.24
N PRO B 65 5.48 -6.40 10.09
CA PRO B 65 4.82 -6.76 11.36
C PRO B 65 3.47 -7.44 11.18
N THR B 66 3.14 -8.30 12.14
CA THR B 66 1.80 -8.86 12.28
C THR B 66 1.37 -8.66 13.72
N LEU B 67 0.18 -8.13 13.93
CA LEU B 67 -0.32 -7.93 15.30
C LEU B 67 -1.50 -8.83 15.58
N VAL B 68 -1.47 -9.48 16.75
CA VAL B 68 -2.61 -10.23 17.23
C VAL B 68 -3.13 -9.56 18.49
N HIS B 69 -4.37 -9.09 18.44
CA HIS B 69 -4.96 -8.40 19.58
C HIS B 69 -6.36 -8.97 19.82
N GLY B 70 -6.47 -9.90 20.74
CA GLY B 70 -7.69 -10.65 20.91
C GLY B 70 -7.88 -11.55 19.70
N ASP B 71 -9.05 -11.44 19.06
CA ASP B 71 -9.32 -12.23 17.87
C ASP B 71 -8.95 -11.48 16.59
N LEU B 72 -8.49 -10.24 16.76
CA LEU B 72 -8.12 -9.41 15.62
C LEU B 72 -6.68 -9.67 15.19
N VAL B 73 -6.50 -9.99 13.91
CA VAL B 73 -5.18 -10.25 13.35
C VAL B 73 -4.88 -9.25 12.23
N LEU B 74 -3.92 -8.38 12.46
CA LEU B 74 -3.57 -7.35 11.49
C LEU B 74 -2.24 -7.69 10.83
N THR B 75 -2.21 -7.58 9.50
CA THR B 75 -1.07 -8.08 8.74
C THR B 75 -0.42 -6.99 7.90
N ASP B 76 -0.58 -5.74 8.33
CA ASP B 76 0.04 -4.61 7.66
C ASP B 76 0.32 -3.52 8.68
N SER B 77 1.53 -2.98 8.63
CA SER B 77 1.97 -1.97 9.60
C SER B 77 1.04 -0.77 9.67
N HIS B 78 0.44 -0.38 8.55
CA HIS B 78 -0.39 0.83 8.54
C HIS B 78 -1.71 0.59 9.26
N ALA B 79 -2.23 -0.63 9.15
CA ALA B 79 -3.42 -1.02 9.91
C ALA B 79 -3.08 -1.12 11.39
N ILE B 80 -1.89 -1.65 11.69
CA ILE B 80 -1.44 -1.78 13.08
C ILE B 80 -1.27 -0.40 13.74
N LEU B 81 -0.66 0.54 13.01
CA LEU B 81 -0.47 1.89 13.53
C LEU B 81 -1.80 2.55 13.86
N ILE B 82 -2.75 2.47 12.93
CA ILE B 82 -4.06 3.09 13.10
C ILE B 82 -4.82 2.43 14.26
N HIS B 83 -4.78 1.11 14.31
CA HIS B 83 -5.44 0.36 15.37
C HIS B 83 -4.91 0.70 16.76
N LEU B 84 -3.58 0.72 16.89
CA LEU B 84 -2.97 1.02 18.18
C LEU B 84 -3.25 2.46 18.62
N ALA B 85 -3.25 3.38 17.66
CA ALA B 85 -3.56 4.78 17.96
C ALA B 85 -5.01 4.93 18.42
N GLU B 86 -5.93 4.25 17.75
CA GLU B 86 -7.34 4.35 18.10
C GLU B 86 -7.65 3.70 19.46
N LYS B 87 -6.87 2.69 19.81
CA LYS B 87 -7.09 1.97 21.06
C LYS B 87 -6.37 2.61 22.24
N PHE B 88 -5.21 3.22 21.99
CA PHE B 88 -4.35 3.68 23.07
C PHE B 88 -4.03 5.18 23.04
N ASP B 89 -4.52 5.89 22.03
CA ASP B 89 -4.25 7.32 21.94
C ASP B 89 -5.47 8.11 21.47
N GLU B 90 -6.65 7.73 21.95
CA GLU B 90 -7.86 8.47 21.63
C GLU B 90 -7.76 9.90 22.13
N GLY B 91 -7.93 10.86 21.22
CA GLY B 91 -7.82 12.27 21.56
C GLY B 91 -6.45 12.83 21.23
N GLY B 92 -5.53 11.96 20.82
CA GLY B 92 -4.18 12.37 20.48
C GLY B 92 -4.10 13.02 19.11
N SER B 93 -2.92 13.54 18.77
CA SER B 93 -2.73 14.21 17.49
C SER B 93 -2.08 13.31 16.45
N LEU B 94 -1.62 12.13 16.88
CA LEU B 94 -1.00 11.17 15.96
C LEU B 94 -1.99 10.67 14.92
N TRP B 95 -3.21 10.40 15.36
CA TRP B 95 -4.28 9.95 14.47
C TRP B 95 -5.49 10.84 14.72
N PRO B 96 -5.48 12.06 14.17
CA PRO B 96 -6.42 13.16 14.43
C PRO B 96 -7.89 12.76 14.34
N GLN B 97 -8.70 13.33 15.21
CA GLN B 97 -10.13 13.06 15.26
C GLN B 97 -10.84 13.74 14.08
N GLU B 98 -10.44 14.98 13.81
CA GLU B 98 -11.04 15.77 12.74
C GLU B 98 -10.88 15.05 11.40
N HIS B 99 -11.98 14.89 10.68
CA HIS B 99 -12.00 14.02 9.50
C HIS B 99 -10.97 14.41 8.43
N ALA B 100 -10.93 15.69 8.07
CA ALA B 100 -10.02 16.16 7.02
C ALA B 100 -8.56 15.89 7.38
N GLU B 101 -8.21 16.14 8.64
CA GLU B 101 -6.84 15.91 9.10
C GLU B 101 -6.52 14.41 9.09
N ARG B 102 -7.49 13.60 9.49
CA ARG B 102 -7.31 12.15 9.53
C ARG B 102 -7.10 11.60 8.12
N MET B 103 -7.87 12.11 7.16
CA MET B 103 -7.73 11.67 5.78
C MET B 103 -6.38 12.04 5.20
N LYS B 104 -5.84 13.18 5.65
CA LYS B 104 -4.54 13.62 5.20
C LYS B 104 -3.46 12.66 5.69
N VAL B 105 -3.60 12.22 6.94
CA VAL B 105 -2.66 11.26 7.52
C VAL B 105 -2.76 9.93 6.80
N LEU B 106 -3.99 9.47 6.59
CA LEU B 106 -4.24 8.21 5.89
C LEU B 106 -3.64 8.25 4.49
N ASN B 107 -3.80 9.38 3.81
CA ASN B 107 -3.28 9.57 2.46
C ASN B 107 -1.77 9.40 2.42
N LEU B 108 -1.11 9.89 3.46
CA LEU B 108 0.35 9.82 3.53
C LEU B 108 0.83 8.42 3.91
N LEU B 109 0.05 7.72 4.72
CA LEU B 109 0.36 6.32 5.05
C LEU B 109 0.34 5.46 3.79
N LEU B 110 -0.61 5.76 2.91
CA LEU B 110 -0.76 4.99 1.68
C LEU B 110 0.34 5.34 0.68
N PHE B 111 0.78 6.59 0.68
CA PHE B 111 1.96 6.98 -0.10
C PHE B 111 3.17 6.14 0.30
N GLU B 112 3.33 5.95 1.60
CA GLU B 112 4.46 5.17 2.11
C GLU B 112 4.39 3.74 1.58
N CYS B 113 3.19 3.17 1.61
CA CYS B 113 2.98 1.80 1.17
C CYS B 113 3.10 1.62 -0.34
N SER B 114 2.44 2.51 -1.09
N SER B 114 2.45 2.52 -1.07
CA SER B 114 2.33 2.33 -2.54
CA SER B 114 2.29 2.39 -2.53
C SER B 114 3.53 2.87 -3.30
C SER B 114 3.48 2.91 -3.32
N PHE B 115 4.21 3.86 -2.73
CA PHE B 115 5.27 4.56 -3.45
C PHE B 115 6.64 4.38 -2.81
N LEU B 116 6.81 4.93 -1.61
CA LEU B 116 8.11 4.95 -0.97
C LEU B 116 8.62 3.54 -0.65
N PHE B 117 7.83 2.76 0.08
CA PHE B 117 8.29 1.43 0.46
C PHE B 117 8.40 0.50 -0.74
N ARG B 118 7.47 0.61 -1.69
CA ARG B 118 7.52 -0.22 -2.89
C ARG B 118 8.84 -0.02 -3.62
N ARG B 119 9.23 1.23 -3.79
CA ARG B 119 10.45 1.56 -4.52
C ARG B 119 11.70 1.18 -3.73
N ASP B 120 11.66 1.35 -2.41
CA ASP B 120 12.80 0.93 -1.60
C ASP B 120 12.92 -0.59 -1.59
N SER B 121 11.76 -1.25 -1.60
N SER B 121 11.77 -1.26 -1.61
CA SER B 121 11.71 -2.70 -1.64
CA SER B 121 11.76 -2.72 -1.63
C SER B 121 12.30 -3.22 -2.93
C SER B 121 12.29 -3.26 -2.95
N ASP B 122 11.93 -2.59 -4.05
CA ASP B 122 12.43 -2.98 -5.37
C ASP B 122 13.95 -2.93 -5.39
N PHE B 123 14.50 -1.86 -4.82
CA PHE B 123 15.93 -1.65 -4.78
C PHE B 123 16.63 -2.67 -3.88
N MET B 124 16.17 -2.80 -2.64
CA MET B 124 16.84 -3.68 -1.67
C MET B 124 16.74 -5.15 -2.06
N SER B 125 15.60 -5.56 -2.62
N SER B 125 15.61 -5.56 -2.63
CA SER B 125 15.42 -6.92 -3.09
CA SER B 125 15.44 -6.94 -3.07
C SER B 125 16.32 -7.21 -4.29
C SER B 125 16.31 -7.22 -4.29
N ALA B 126 16.55 -6.19 -5.10
CA ALA B 126 17.41 -6.32 -6.27
C ALA B 126 18.85 -6.61 -5.85
N ILE B 127 19.30 -5.94 -4.79
CA ILE B 127 20.62 -6.18 -4.23
C ILE B 127 20.79 -7.66 -3.82
N VAL B 128 19.78 -8.19 -3.13
CA VAL B 128 19.85 -9.57 -2.67
C VAL B 128 19.77 -10.57 -3.83
N ARG B 129 18.92 -10.27 -4.81
N ARG B 129 18.87 -10.28 -4.78
CA ARG B 129 18.67 -11.21 -5.91
CA ARG B 129 18.66 -11.16 -5.93
C ARG B 129 19.68 -11.08 -7.05
C ARG B 129 19.82 -11.10 -6.90
N GLN B 130 20.21 -9.89 -7.29
CA GLN B 130 21.15 -9.69 -8.39
C GLN B 130 22.60 -9.51 -7.94
N GLY B 131 22.79 -9.15 -6.68
CA GLY B 131 24.12 -8.84 -6.18
C GLY B 131 24.36 -7.35 -6.30
N PHE B 132 24.96 -6.78 -5.27
CA PHE B 132 25.15 -5.33 -5.17
C PHE B 132 25.82 -4.72 -6.39
N ALA B 133 26.83 -5.40 -6.91
CA ALA B 133 27.61 -4.89 -8.04
C ALA B 133 26.83 -4.92 -9.35
N ASN B 134 25.78 -5.74 -9.40
CA ASN B 134 25.06 -5.96 -10.65
C ASN B 134 23.75 -5.18 -10.74
N VAL B 135 23.40 -4.50 -9.65
CA VAL B 135 22.16 -3.73 -9.61
C VAL B 135 22.24 -2.46 -10.44
N ASP B 136 21.21 -2.19 -11.23
CA ASP B 136 21.11 -0.93 -11.95
C ASP B 136 20.86 0.21 -10.96
N VAL B 137 21.94 0.68 -10.36
CA VAL B 137 21.85 1.69 -9.30
C VAL B 137 21.27 3.01 -9.82
N ALA B 138 21.60 3.36 -11.06
CA ALA B 138 21.10 4.58 -11.67
C ALA B 138 19.58 4.56 -11.78
N HIS B 139 19.02 3.41 -12.15
CA HIS B 139 17.58 3.24 -12.27
C HIS B 139 16.89 3.46 -10.92
N HIS B 140 17.40 2.80 -9.88
CA HIS B 140 16.81 2.89 -8.55
C HIS B 140 17.07 4.24 -7.90
N GLU B 141 18.20 4.87 -8.25
CA GLU B 141 18.47 6.21 -7.75
C GLU B 141 17.44 7.19 -8.25
N ARG B 142 17.05 7.06 -9.52
CA ARG B 142 16.00 7.90 -10.10
C ARG B 142 14.67 7.67 -9.39
N LYS B 143 14.30 6.41 -9.26
CA LYS B 143 13.02 6.03 -8.64
C LYS B 143 12.90 6.57 -7.21
N LEU B 144 13.99 6.48 -6.45
CA LEU B 144 13.95 6.84 -5.04
C LEU B 144 14.16 8.33 -4.82
N THR B 145 14.89 8.98 -5.72
CA THR B 145 15.03 10.43 -5.66
C THR B 145 13.68 11.08 -5.91
N GLU B 146 12.87 10.46 -6.77
CA GLU B 146 11.51 10.91 -7.03
C GLU B 146 10.69 10.94 -5.74
N ALA B 147 10.89 9.95 -4.89
CA ALA B 147 10.19 9.91 -3.60
C ALA B 147 10.68 11.04 -2.70
N TYR B 148 11.97 11.30 -2.73
CA TYR B 148 12.55 12.41 -1.97
C TYR B 148 11.90 13.75 -2.37
N ILE B 149 11.83 13.98 -3.68
CA ILE B 149 11.22 15.20 -4.23
C ILE B 149 9.78 15.37 -3.77
N ILE B 150 9.00 14.31 -3.88
CA ILE B 150 7.61 14.32 -3.46
C ILE B 150 7.46 14.66 -1.98
N MET B 151 8.30 14.05 -1.14
CA MET B 151 8.23 14.30 0.30
C MET B 151 8.69 15.71 0.64
N GLU B 152 9.63 16.24 -0.15
CA GLU B 152 10.08 17.62 0.00
C GLU B 152 8.92 18.58 -0.25
N ARG B 153 8.07 18.24 -1.22
N ARG B 153 8.10 18.24 -1.24
CA ARG B 153 6.93 19.08 -1.54
CA ARG B 153 6.91 19.02 -1.58
C ARG B 153 5.84 18.99 -0.48
C ARG B 153 5.88 18.98 -0.46
N TYR B 154 5.70 17.81 0.14
CA TYR B 154 4.74 17.64 1.22
C TYR B 154 5.12 18.48 2.44
N LEU B 155 6.41 18.77 2.58
CA LEU B 155 6.92 19.52 3.72
C LEU B 155 6.99 21.02 3.46
N GLU B 156 6.50 21.43 2.29
CA GLU B 156 6.59 22.83 1.88
C GLU B 156 5.84 23.77 2.82
N ASN B 157 4.69 23.32 3.31
CA ASN B 157 3.84 24.17 4.14
C ASN B 157 3.72 23.72 5.59
N SER B 158 4.46 22.67 5.98
CA SER B 158 4.37 22.17 7.35
C SER B 158 5.66 21.54 7.86
N ASP B 159 5.81 21.54 9.18
CA ASP B 159 6.98 20.98 9.85
C ASP B 159 7.01 19.46 9.77
N PHE B 160 5.83 18.85 9.70
CA PHE B 160 5.72 17.40 9.60
C PHE B 160 4.95 16.99 8.36
N MET B 161 4.96 15.70 8.06
CA MET B 161 4.47 15.18 6.78
C MET B 161 2.99 15.50 6.51
N ALA B 162 2.16 15.41 7.55
CA ALA B 162 0.72 15.58 7.36
C ALA B 162 0.20 16.87 8.00
N GLY B 163 1.11 17.69 8.52
CA GLY B 163 0.72 18.94 9.15
C GLY B 163 1.72 19.46 10.17
N PRO B 164 1.24 20.26 11.12
CA PRO B 164 2.09 20.88 12.15
C PRO B 164 2.43 19.93 13.29
N GLN B 165 1.65 18.86 13.41
CA GLN B 165 1.86 17.89 14.48
C GLN B 165 2.45 16.59 13.93
N LEU B 166 3.23 15.91 14.76
CA LEU B 166 3.70 14.57 14.45
C LEU B 166 2.50 13.63 14.32
N THR B 167 2.46 12.85 13.25
CA THR B 167 1.38 11.90 13.06
C THR B 167 1.91 10.50 12.73
N LEU B 168 0.99 9.56 12.59
CA LEU B 168 1.33 8.19 12.19
C LEU B 168 2.10 8.20 10.88
N ALA B 169 1.80 9.17 10.02
CA ALA B 169 2.45 9.30 8.73
C ALA B 169 3.95 9.48 8.86
N ASP B 170 4.37 10.26 9.86
CA ASP B 170 5.78 10.50 10.09
C ASP B 170 6.49 9.22 10.54
N LEU B 171 5.82 8.44 11.38
CA LEU B 171 6.40 7.21 11.91
C LEU B 171 6.62 6.19 10.79
N SER B 172 5.61 6.04 9.94
CA SER B 172 5.67 5.08 8.85
C SER B 172 6.76 5.48 7.84
N ILE B 173 6.82 6.77 7.52
CA ILE B 173 7.71 7.26 6.49
C ILE B 173 9.18 7.28 6.91
N VAL B 174 9.46 7.67 8.16
CA VAL B 174 10.84 7.86 8.58
C VAL B 174 11.64 6.56 8.61
N THR B 175 10.98 5.45 8.91
CA THR B 175 11.69 4.18 9.00
C THR B 175 12.16 3.74 7.62
N THR B 176 11.29 3.85 6.63
CA THR B 176 11.68 3.52 5.26
C THR B 176 12.66 4.55 4.73
N LEU B 177 12.44 5.82 5.08
CA LEU B 177 13.32 6.91 4.67
C LEU B 177 14.76 6.67 5.14
N SER B 178 14.92 6.32 6.40
CA SER B 178 16.24 6.05 6.97
C SER B 178 16.91 4.86 6.26
N THR B 179 16.09 3.94 5.77
CA THR B 179 16.58 2.78 5.05
C THR B 179 17.05 3.17 3.64
N VAL B 180 16.28 4.03 2.98
CA VAL B 180 16.70 4.56 1.69
C VAL B 180 18.01 5.33 1.85
N ASN B 181 18.10 6.06 2.95
CA ASN B 181 19.24 6.92 3.25
C ASN B 181 20.54 6.15 3.46
N LEU B 182 20.44 4.84 3.66
CA LEU B 182 21.61 3.99 3.71
C LEU B 182 22.40 4.10 2.40
N MET B 183 21.68 4.33 1.31
CA MET B 183 22.27 4.36 -0.02
C MET B 183 22.29 5.77 -0.62
N PHE B 184 21.18 6.49 -0.49
CA PHE B 184 21.05 7.82 -1.13
C PHE B 184 20.87 8.96 -0.14
N PRO B 185 21.81 9.93 -0.16
CA PRO B 185 21.88 11.07 0.76
C PRO B 185 20.71 12.05 0.63
N LEU B 186 20.45 12.81 1.69
CA LEU B 186 19.34 13.77 1.75
C LEU B 186 19.81 15.22 1.66
N SER B 187 21.10 15.41 1.47
CA SER B 187 21.73 16.74 1.58
C SER B 187 21.08 17.81 0.71
N GLN B 188 20.60 17.43 -0.46
CA GLN B 188 20.09 18.39 -1.42
C GLN B 188 18.58 18.63 -1.25
N PHE B 189 18.03 18.11 -0.15
CA PHE B 189 16.62 18.35 0.18
C PHE B 189 16.51 18.95 1.57
N PRO B 190 16.51 20.29 1.64
CA PRO B 190 16.55 21.06 2.89
C PRO B 190 15.40 20.76 3.85
N ARG B 191 14.17 20.76 3.35
CA ARG B 191 13.01 20.48 4.20
C ARG B 191 13.08 19.05 4.72
N LEU B 192 13.38 18.12 3.83
CA LEU B 192 13.44 16.70 4.19
C LEU B 192 14.58 16.42 5.17
N ARG B 193 15.72 17.07 4.96
CA ARG B 193 16.87 16.88 5.83
C ARG B 193 16.59 17.36 7.26
N ARG B 194 15.97 18.53 7.38
CA ARG B 194 15.67 19.09 8.68
C ARG B 194 14.58 18.27 9.38
N TRP B 195 13.63 17.78 8.61
CA TRP B 195 12.59 16.90 9.13
C TRP B 195 13.20 15.62 9.69
N PHE B 196 14.10 15.00 8.91
CA PHE B 196 14.75 13.76 9.32
C PHE B 196 15.58 13.97 10.59
N THR B 197 16.31 15.09 10.64
CA THR B 197 17.11 15.42 11.81
C THR B 197 16.21 15.55 13.04
N ALA B 198 15.10 16.25 12.87
CA ALA B 198 14.14 16.45 13.95
C ALA B 198 13.54 15.12 14.42
N MET B 199 13.26 14.23 13.47
CA MET B 199 12.74 12.90 13.78
C MET B 199 13.76 12.12 14.61
N GLN B 200 15.02 12.26 14.26
CA GLN B 200 16.11 11.55 14.96
C GLN B 200 16.26 12.02 16.40
N GLN B 201 15.72 13.20 16.71
CA GLN B 201 15.84 13.76 18.05
C GLN B 201 14.81 13.18 19.00
N LEU B 202 13.74 12.63 18.44
CA LEU B 202 12.68 12.03 19.25
C LEU B 202 13.20 10.84 20.04
N ASP B 203 12.72 10.70 21.27
CA ASP B 203 13.10 9.57 22.12
C ASP B 203 12.69 8.25 21.46
N ALA B 204 11.59 8.28 20.72
CA ALA B 204 11.04 7.08 20.09
C ALA B 204 11.89 6.61 18.91
N TYR B 205 12.73 7.48 18.38
CA TYR B 205 13.54 7.13 17.22
C TYR B 205 14.56 6.04 17.55
N GLU B 206 14.84 5.84 18.83
CA GLU B 206 15.73 4.77 19.27
C GLU B 206 15.21 3.41 18.79
N ALA B 207 13.89 3.29 18.69
CA ALA B 207 13.27 2.06 18.21
C ALA B 207 13.55 1.82 16.73
N ASN B 208 14.06 2.84 16.04
CA ASN B 208 14.45 2.70 14.64
C ASN B 208 15.95 2.41 14.52
N CYS B 209 16.72 2.89 15.49
CA CYS B 209 18.18 2.81 15.44
C CYS B 209 18.71 1.38 15.40
N SER B 210 18.34 0.57 16.38
CA SER B 210 18.84 -0.79 16.50
C SER B 210 18.56 -1.61 15.26
N GLY B 211 17.30 -1.61 14.83
CA GLY B 211 16.90 -2.38 13.67
C GLY B 211 17.52 -1.89 12.37
N LEU B 212 17.68 -0.58 12.24
CA LEU B 212 18.28 0.00 11.03
C LEU B 212 19.73 -0.48 10.90
N GLU B 213 20.48 -0.43 11.99
CA GLU B 213 21.86 -0.88 11.97
C GLU B 213 21.95 -2.38 11.72
N LYS B 214 21.05 -3.15 12.34
CA LYS B 214 21.00 -4.59 12.09
C LYS B 214 20.72 -4.90 10.62
N LEU B 215 19.87 -4.08 9.98
CA LEU B 215 19.59 -4.25 8.56
C LEU B 215 20.84 -3.96 7.75
N ARG B 216 21.52 -2.88 8.09
CA ARG B 216 22.77 -2.52 7.42
C ARG B 216 23.76 -3.66 7.50
N GLN B 217 23.97 -4.17 8.71
CA GLN B 217 24.94 -5.23 8.95
C GLN B 217 24.59 -6.51 8.18
N THR B 218 23.32 -6.89 8.19
CA THR B 218 22.89 -8.08 7.49
C THR B 218 23.05 -7.95 5.97
N MET B 219 22.61 -6.82 5.41
CA MET B 219 22.72 -6.59 3.98
C MET B 219 24.18 -6.61 3.52
N GLU B 220 25.04 -5.92 4.27
CA GLU B 220 26.44 -5.81 3.91
C GLU B 220 27.17 -7.15 4.05
N SER B 221 26.78 -7.93 5.05
CA SER B 221 27.36 -9.26 5.24
C SER B 221 26.95 -10.22 4.14
N VAL B 222 25.65 -10.24 3.84
CA VAL B 222 25.11 -11.13 2.82
C VAL B 222 25.63 -10.77 1.43
N GLY B 223 25.70 -9.48 1.14
CA GLY B 223 26.06 -9.01 -0.18
C GLY B 223 27.53 -8.73 -0.40
N SER B 224 28.33 -8.89 0.66
CA SER B 224 29.77 -8.60 0.61
C SER B 224 30.06 -7.22 0.07
N PHE B 225 29.38 -6.21 0.61
CA PHE B 225 29.59 -4.83 0.18
C PHE B 225 29.48 -3.89 1.37
N GLN B 226 29.68 -2.61 1.10
CA GLN B 226 29.43 -1.56 2.07
C GLN B 226 28.58 -0.47 1.45
N PHE B 227 27.54 -0.05 2.16
CA PHE B 227 26.77 1.12 1.73
C PHE B 227 27.68 2.35 1.78
N PRO B 228 27.41 3.33 0.91
CA PRO B 228 28.21 4.56 0.88
C PRO B 228 28.14 5.36 2.18
N SER B 229 27.10 5.12 2.97
CA SER B 229 26.91 5.83 4.22
C SER B 229 27.66 5.16 5.37
N SER B 230 28.17 3.96 5.12
CA SER B 230 28.84 3.19 6.16
C SER B 230 30.24 3.73 6.46
N SER B 231 30.71 3.48 7.68
CA SER B 231 32.04 3.94 8.11
C SER B 231 33.06 2.81 8.02
#